data_3N2Z
#
_entry.id   3N2Z
#
_cell.length_a   181.140
_cell.length_b   181.140
_cell.length_c   240.130
_cell.angle_alpha   90.000
_cell.angle_beta   90.000
_cell.angle_gamma   120.000
#
_symmetry.space_group_name_H-M   'H 3 2'
#
loop_
_entity.id
_entity.type
_entity.pdbx_description
1 polymer 'Lysosomal Pro-X carboxypeptidase'
2 branched 2-acetamido-2-deoxy-beta-D-glucopyranose-(1-4)-2-acetamido-2-deoxy-beta-D-glucopyranose
3 non-polymer 2-acetamido-2-deoxy-beta-D-glucopyranose
4 non-polymer 'SULFATE ION'
5 water water
#
_entity_poly.entity_id   1
_entity_poly.type   'polypeptide(L)'
_entity_poly.pdbx_seq_one_letter_code
;KNYSVLYFQQKVDHFGFNTVKTFNQRYLVADKYWKKNGGSILFYTGNEGDIIWFCNNTGFMWDVAEELKAMLVFAEHRYY
GESLPFGDNSFKDSRHLNFLTSEQALADFAELIKHLKRTIPGAENQPVIAIGGSYGGMLAAWFRMKYPHMVVGALAASAP
IWQFEDLVPCGVFMKIVTTDFRKSGPHCSESIHRSWDAINRLSNTGSGLQWLTGALHLCSPLTSQDIQHLKDWISETWVN
LAMVDYPYASNFLQPLPAWPIKVVCQYLKNPNVSDSLLLQNIFQALNVYYNYSGQVKCLNISETATSSLGTLGWSYQACT
EVVMPFCTNGVDDMFEPHSWNLKELSDDCFQQWGVRPRPSWITTMYGGKNISSHTNIVFSNGELDPWSGGGVTKDITDTL
VAVTISEGAHHLDLRTKNALDPMSVLLARSLEVRHMKNWIRDFYDS
;
_entity_poly.pdbx_strand_id   B
#
loop_
_chem_comp.id
_chem_comp.type
_chem_comp.name
_chem_comp.formula
NAG D-saccharide, beta linking 2-acetamido-2-deoxy-beta-D-glucopyranose 'C8 H15 N O6'
SO4 non-polymer 'SULFATE ION' 'O4 S -2'
#
# COMPACT_ATOMS: atom_id res chain seq x y z
N LYS A 1 17.89 -1.09 14.03
CA LYS A 1 18.55 -0.59 15.24
C LYS A 1 18.02 0.80 15.65
N ASN A 2 18.92 1.83 15.72
CA ASN A 2 18.54 3.19 16.09
C ASN A 2 18.87 4.27 15.05
N TYR A 3 18.07 5.33 15.07
CA TYR A 3 18.06 6.47 14.16
C TYR A 3 17.90 7.79 14.93
N SER A 4 18.02 8.92 14.21
CA SER A 4 17.85 10.28 14.74
C SER A 4 16.59 10.92 14.13
N VAL A 5 15.72 11.52 14.95
CA VAL A 5 14.51 12.17 14.46
C VAL A 5 14.89 13.63 14.15
N LEU A 6 14.74 14.03 12.87
CA LEU A 6 15.09 15.38 12.43
C LEU A 6 13.97 16.10 11.72
N TYR A 7 14.07 17.44 11.66
CA TYR A 7 13.09 18.32 11.03
C TYR A 7 13.74 19.28 10.07
N PHE A 8 13.03 19.57 8.96
CA PHE A 8 13.50 20.46 7.91
C PHE A 8 12.38 21.40 7.48
N GLN A 9 12.67 22.72 7.48
CA GLN A 9 11.73 23.77 7.10
C GLN A 9 11.43 23.71 5.59
N GLN A 10 10.17 23.57 5.24
CA GLN A 10 9.70 23.44 3.86
C GLN A 10 8.65 24.46 3.51
N LYS A 11 8.66 24.92 2.25
CA LYS A 11 7.66 25.85 1.75
C LYS A 11 6.36 25.05 1.67
N VAL A 12 5.23 25.68 1.98
CA VAL A 12 3.94 25.00 1.91
C VAL A 12 3.59 24.79 0.44
N ASP A 13 3.83 25.82 -0.39
CA ASP A 13 3.55 25.76 -1.82
C ASP A 13 4.82 25.87 -2.68
N HIS A 14 5.13 24.81 -3.45
CA HIS A 14 6.31 24.82 -4.34
C HIS A 14 5.90 25.30 -5.73
N PHE A 15 4.60 25.20 -6.02
CA PHE A 15 4.03 25.57 -7.31
C PHE A 15 3.43 26.97 -7.44
N GLY A 16 3.60 27.79 -6.41
CA GLY A 16 3.06 29.14 -6.38
C GLY A 16 3.83 30.09 -5.52
N PHE A 17 3.81 31.37 -5.88
CA PHE A 17 4.53 32.41 -5.16
C PHE A 17 3.73 33.24 -4.16
N ASN A 18 2.38 33.18 -4.25
CA ASN A 18 1.46 33.90 -3.36
C ASN A 18 1.57 33.53 -1.88
N THR A 19 1.69 32.23 -1.56
CA THR A 19 1.86 31.77 -0.17
C THR A 19 3.34 31.66 0.09
N VAL A 20 3.77 32.12 1.26
CA VAL A 20 5.18 32.08 1.67
C VAL A 20 5.31 31.32 2.98
N LYS A 21 4.19 30.77 3.47
CA LYS A 21 4.12 29.99 4.71
C LYS A 21 5.00 28.73 4.66
N THR A 22 5.67 28.41 5.77
CA THR A 22 6.51 27.22 5.88
C THR A 22 5.95 26.22 6.92
N PHE A 23 6.61 25.04 7.07
CA PHE A 23 6.27 23.97 8.00
C PHE A 23 7.46 23.01 8.12
N ASN A 24 7.56 22.29 9.24
CA ASN A 24 8.67 21.35 9.44
C ASN A 24 8.27 19.95 9.06
N GLN A 25 8.97 19.39 8.08
CA GLN A 25 8.77 18.04 7.58
C GLN A 25 9.68 17.19 8.44
N ARG A 26 9.12 16.10 8.98
CA ARG A 26 9.91 15.17 9.80
C ARG A 26 10.63 14.17 8.92
N TYR A 27 11.84 13.79 9.31
CA TYR A 27 12.66 12.82 8.61
C TYR A 27 13.60 12.12 9.56
N LEU A 28 14.02 10.89 9.21
CA LEU A 28 14.90 10.10 10.07
C LEU A 28 16.19 9.75 9.41
N VAL A 29 17.29 9.75 10.18
CA VAL A 29 18.62 9.40 9.68
C VAL A 29 19.31 8.27 10.48
N ALA A 30 19.75 7.21 9.78
CA ALA A 30 20.47 6.08 10.36
C ALA A 30 21.84 6.15 9.67
N ASP A 31 22.93 6.48 10.42
CA ASP A 31 24.27 6.65 9.86
C ASP A 31 25.33 5.55 10.11
N LYS A 32 25.06 4.59 11.03
CA LYS A 32 25.99 3.47 11.25
C LYS A 32 25.99 2.72 9.92
N TYR A 33 27.15 2.23 9.47
CA TYR A 33 27.35 1.51 8.19
C TYR A 33 27.57 2.45 7.02
N TRP A 34 27.19 3.72 7.17
CA TRP A 34 27.40 4.69 6.11
C TRP A 34 28.86 5.07 6.06
N LYS A 35 29.44 4.94 4.88
CA LYS A 35 30.82 5.33 4.70
C LYS A 35 30.91 6.58 3.83
N LYS A 36 31.40 7.68 4.45
CA LYS A 36 31.66 9.00 3.86
C LYS A 36 32.60 8.81 2.65
N ASN A 37 33.36 7.72 2.75
CA ASN A 37 34.39 7.17 1.89
C ASN A 37 33.80 6.33 0.71
N GLY A 38 33.10 7.01 -0.20
CA GLY A 38 32.47 6.38 -1.39
C GLY A 38 31.26 5.48 -1.17
N GLY A 39 30.36 5.89 -0.27
CA GLY A 39 29.15 5.16 0.07
C GLY A 39 27.92 5.53 -0.74
N SER A 40 26.73 5.51 -0.08
CA SER A 40 25.43 5.82 -0.72
C SER A 40 24.33 6.26 0.27
N ILE A 41 23.22 6.78 -0.28
CA ILE A 41 22.06 7.21 0.51
C ILE A 41 20.82 6.46 0.04
N LEU A 42 20.18 5.70 0.96
CA LEU A 42 18.94 4.95 0.70
C LEU A 42 17.84 5.81 1.27
N PHE A 43 17.08 6.46 0.36
CA PHE A 43 16.01 7.41 0.71
C PHE A 43 14.58 6.85 0.56
N TYR A 44 13.88 6.65 1.69
CA TYR A 44 12.48 6.17 1.65
C TYR A 44 11.52 7.32 1.39
N THR A 45 10.86 7.30 0.21
CA THR A 45 9.88 8.32 -0.16
C THR A 45 8.59 8.01 0.58
N GLY A 46 8.44 8.63 1.75
CA GLY A 46 7.30 8.46 2.64
C GLY A 46 5.92 8.50 2.02
N ASN A 47 5.04 7.60 2.50
CA ASN A 47 3.66 7.55 2.02
C ASN A 47 2.57 7.83 3.11
N GLU A 48 1.29 7.47 2.85
CA GLU A 48 0.09 7.70 3.67
C GLU A 48 0.05 7.21 5.14
N GLY A 49 1.00 7.67 5.94
CA GLY A 49 1.10 7.31 7.36
C GLY A 49 2.32 7.86 8.09
N ASP A 50 2.43 7.54 9.39
CA ASP A 50 3.54 7.97 10.25
C ASP A 50 4.90 7.37 9.74
N ILE A 51 5.93 8.23 9.52
CA ILE A 51 7.25 7.80 9.03
C ILE A 51 7.92 6.74 9.89
N ILE A 52 7.72 6.80 11.24
CA ILE A 52 8.25 5.79 12.17
C ILE A 52 7.69 4.40 11.80
N TRP A 53 6.39 4.31 11.48
CA TRP A 53 5.75 3.07 11.08
C TRP A 53 6.49 2.46 9.89
N PHE A 54 6.82 3.28 8.87
CA PHE A 54 7.52 2.81 7.66
C PHE A 54 8.97 2.43 7.96
N CYS A 55 9.55 3.09 8.96
CA CYS A 55 10.92 2.89 9.40
C CYS A 55 11.03 1.54 10.11
N ASN A 56 10.09 1.32 11.06
CA ASN A 56 9.92 0.12 11.88
C ASN A 56 9.67 -1.11 11.04
N ASN A 57 9.02 -0.94 9.86
CA ASN A 57 8.65 -2.07 9.01
C ASN A 57 9.39 -2.32 7.73
N THR A 58 10.21 -1.39 7.24
CA THR A 58 11.00 -1.63 6.01
C THR A 58 12.37 -2.25 6.39
N GLY A 59 12.33 -3.50 6.87
CA GLY A 59 13.50 -4.27 7.29
C GLY A 59 14.60 -4.37 6.26
N PHE A 60 14.24 -4.65 4.99
CA PHE A 60 15.17 -4.74 3.87
C PHE A 60 16.15 -3.57 3.84
N MET A 61 15.72 -2.35 4.19
CA MET A 61 16.62 -1.22 4.19
C MET A 61 17.74 -1.36 5.21
N TRP A 62 17.43 -1.77 6.44
CA TRP A 62 18.41 -1.97 7.50
C TRP A 62 19.29 -3.21 7.21
N ASP A 63 18.68 -4.23 6.59
CA ASP A 63 19.28 -5.50 6.19
C ASP A 63 20.31 -5.36 5.07
N VAL A 64 20.19 -4.31 4.25
CA VAL A 64 21.07 -4.06 3.10
C VAL A 64 22.02 -2.83 3.30
N ALA A 65 21.90 -2.12 4.44
CA ALA A 65 22.67 -0.92 4.79
C ALA A 65 24.19 -1.15 4.74
N GLU A 66 24.70 -2.16 5.49
CA GLU A 66 26.12 -2.52 5.54
C GLU A 66 26.67 -2.86 4.13
N GLU A 67 25.98 -3.75 3.40
CA GLU A 67 26.37 -4.15 2.05
C GLU A 67 26.50 -3.00 1.06
N LEU A 68 25.64 -2.01 1.17
CA LEU A 68 25.63 -0.85 0.28
C LEU A 68 26.32 0.33 0.92
N LYS A 69 26.88 0.12 2.16
CA LYS A 69 27.58 1.12 2.98
C LYS A 69 26.82 2.41 2.86
N ALA A 70 25.58 2.36 3.38
CA ALA A 70 24.64 3.44 3.25
C ALA A 70 24.08 4.06 4.50
N MET A 71 23.67 5.31 4.30
CA MET A 71 22.98 6.14 5.26
C MET A 71 21.50 5.88 4.91
N LEU A 72 20.66 5.72 5.93
CA LEU A 72 19.24 5.50 5.67
C LEU A 72 18.49 6.78 5.97
N VAL A 73 17.68 7.23 5.01
CA VAL A 73 16.88 8.44 5.22
C VAL A 73 15.41 8.05 5.05
N PHE A 74 14.57 8.41 6.03
CA PHE A 74 13.13 8.13 5.97
C PHE A 74 12.43 9.48 5.99
N ALA A 75 11.91 9.92 4.83
CA ALA A 75 11.25 11.23 4.75
C ALA A 75 9.74 11.13 4.85
N GLU A 76 9.16 11.84 5.83
CA GLU A 76 7.71 11.84 6.05
C GLU A 76 6.97 12.59 4.96
N HIS A 77 5.81 12.09 4.56
CA HIS A 77 4.96 12.70 3.54
C HIS A 77 4.17 13.81 4.22
N ARG A 78 4.11 15.01 3.60
CA ARG A 78 3.34 16.17 4.10
C ARG A 78 1.90 15.72 4.35
N TYR A 79 1.27 16.21 5.45
CA TYR A 79 -0.10 15.90 5.92
C TYR A 79 -0.23 14.56 6.70
N TYR A 80 0.91 13.89 6.96
CA TYR A 80 0.94 12.62 7.69
C TYR A 80 1.93 12.72 8.82
N GLY A 81 1.66 12.00 9.90
CA GLY A 81 2.51 12.02 11.09
C GLY A 81 2.51 13.38 11.73
N GLU A 82 3.71 13.94 11.95
CA GLU A 82 3.99 15.26 12.54
C GLU A 82 4.34 16.31 11.45
N SER A 83 4.23 15.92 10.16
CA SER A 83 4.57 16.79 9.03
C SER A 83 3.33 17.49 8.46
N LEU A 84 2.60 18.20 9.35
CA LEU A 84 1.38 18.90 8.96
C LEU A 84 1.65 20.37 8.63
N PRO A 85 1.33 20.81 7.39
CA PRO A 85 1.58 22.21 7.00
C PRO A 85 0.90 23.27 7.86
N PHE A 86 -0.38 23.05 8.21
CA PHE A 86 -1.17 23.98 9.02
C PHE A 86 -1.53 23.44 10.41
N GLY A 87 -0.71 22.53 10.95
CA GLY A 87 -0.94 21.89 12.23
C GLY A 87 -2.30 21.20 12.30
N ASP A 88 -3.09 21.53 13.34
CA ASP A 88 -4.43 20.99 13.60
C ASP A 88 -5.44 21.39 12.53
N ASN A 89 -5.23 22.58 11.94
CA ASN A 89 -6.07 23.15 10.88
C ASN A 89 -5.86 22.49 9.49
N SER A 90 -4.79 21.68 9.32
CA SER A 90 -4.43 20.99 8.07
C SER A 90 -5.60 20.34 7.34
N PHE A 91 -6.57 19.75 8.06
CA PHE A 91 -7.74 19.09 7.44
C PHE A 91 -9.05 19.90 7.57
N LYS A 92 -8.93 21.19 8.02
CA LYS A 92 -10.03 22.13 8.21
C LYS A 92 -10.93 22.25 6.98
N ASP A 93 -10.42 22.86 5.90
CA ASP A 93 -11.20 23.05 4.67
C ASP A 93 -10.42 22.73 3.40
N SER A 94 -11.12 22.79 2.25
CA SER A 94 -10.57 22.56 0.92
C SER A 94 -9.42 23.53 0.62
N ARG A 95 -9.42 24.71 1.26
CA ARG A 95 -8.41 25.77 1.16
C ARG A 95 -7.10 25.30 1.82
N HIS A 96 -7.22 24.65 2.98
CA HIS A 96 -6.09 24.16 3.79
C HIS A 96 -5.49 22.88 3.24
N LEU A 97 -6.30 22.08 2.54
CA LEU A 97 -5.87 20.80 1.99
C LEU A 97 -5.38 20.91 0.57
N ASN A 98 -5.44 22.12 -0.01
CA ASN A 98 -5.01 22.41 -1.37
C ASN A 98 -3.60 21.84 -1.66
N PHE A 99 -2.67 21.97 -0.70
CA PHE A 99 -1.27 21.55 -0.79
C PHE A 99 -0.92 20.06 -0.63
N LEU A 100 -1.95 19.20 -0.54
CA LEU A 100 -1.77 17.75 -0.43
C LEU A 100 -1.92 17.13 -1.80
N THR A 101 -0.78 17.03 -2.50
CA THR A 101 -0.64 16.42 -3.83
C THR A 101 0.64 15.60 -3.84
N SER A 102 0.78 14.72 -4.85
CA SER A 102 1.99 13.91 -5.00
C SER A 102 3.15 14.80 -5.50
N GLU A 103 2.86 15.82 -6.36
CA GLU A 103 3.87 16.77 -6.86
C GLU A 103 4.50 17.53 -5.71
N GLN A 104 3.67 18.04 -4.78
CA GLN A 104 4.17 18.76 -3.61
C GLN A 104 5.08 17.86 -2.78
N ALA A 105 4.68 16.59 -2.55
CA ALA A 105 5.48 15.60 -1.81
C ALA A 105 6.83 15.34 -2.53
N LEU A 106 6.80 15.12 -3.86
CA LEU A 106 8.04 14.90 -4.63
C LEU A 106 8.96 16.15 -4.55
N ALA A 107 8.37 17.35 -4.63
CA ALA A 107 9.11 18.60 -4.51
C ALA A 107 9.74 18.68 -3.08
N ASP A 108 9.04 18.20 -2.01
CA ASP A 108 9.62 18.23 -0.67
C ASP A 108 10.85 17.32 -0.64
N PHE A 109 10.75 16.15 -1.27
CA PHE A 109 11.84 15.17 -1.33
C PHE A 109 13.09 15.73 -2.02
N ALA A 110 12.90 16.52 -3.09
CA ALA A 110 14.02 17.17 -3.80
C ALA A 110 14.67 18.18 -2.85
N GLU A 111 13.87 19.06 -2.22
CA GLU A 111 14.39 20.06 -1.30
C GLU A 111 15.13 19.40 -0.16
N LEU A 112 14.59 18.31 0.38
CA LEU A 112 15.24 17.61 1.47
C LEU A 112 16.58 16.99 1.04
N ILE A 113 16.64 16.33 -0.14
CA ILE A 113 17.90 15.75 -0.61
C ILE A 113 18.94 16.89 -0.77
N LYS A 114 18.55 18.03 -1.40
CA LYS A 114 19.39 19.23 -1.56
C LYS A 114 20.03 19.62 -0.21
N HIS A 115 19.20 19.71 0.85
CA HIS A 115 19.57 20.03 2.22
C HIS A 115 20.58 19.06 2.82
N LEU A 116 20.38 17.74 2.63
CA LEU A 116 21.28 16.74 3.20
C LEU A 116 22.67 16.82 2.56
N LYS A 117 22.75 16.98 1.25
CA LYS A 117 24.02 17.08 0.53
C LYS A 117 24.78 18.37 0.96
N ARG A 118 24.03 19.43 1.25
CA ARG A 118 24.53 20.73 1.70
C ARG A 118 25.02 20.64 3.16
N THR A 119 24.19 20.03 4.03
CA THR A 119 24.41 19.83 5.47
C THR A 119 25.42 18.76 5.86
N ILE A 120 25.20 17.51 5.44
CA ILE A 120 26.08 16.41 5.84
C ILE A 120 27.42 16.35 5.10
N PRO A 121 28.55 16.53 5.84
CA PRO A 121 29.86 16.45 5.17
C PRO A 121 30.11 15.02 4.70
N GLY A 122 30.31 14.89 3.40
CA GLY A 122 30.56 13.62 2.72
C GLY A 122 29.45 13.25 1.75
N ALA A 123 28.22 13.69 2.06
CA ALA A 123 27.02 13.45 1.27
C ALA A 123 27.07 14.11 -0.11
N GLU A 124 27.47 15.39 -0.16
CA GLU A 124 27.58 16.24 -1.35
C GLU A 124 27.71 15.56 -2.71
N ASN A 125 28.62 14.59 -2.86
CA ASN A 125 28.77 13.94 -4.15
C ASN A 125 28.48 12.42 -4.17
N GLN A 126 27.63 11.95 -3.24
CA GLN A 126 27.23 10.55 -3.12
C GLN A 126 25.95 10.21 -3.94
N PRO A 127 25.73 8.94 -4.34
CA PRO A 127 24.50 8.62 -5.08
C PRO A 127 23.31 8.36 -4.14
N VAL A 128 22.13 8.80 -4.54
CA VAL A 128 20.94 8.55 -3.72
C VAL A 128 19.91 7.69 -4.46
N ILE A 129 19.48 6.58 -3.80
CA ILE A 129 18.50 5.61 -4.31
C ILE A 129 17.16 5.74 -3.56
N ALA A 130 16.07 5.96 -4.34
CA ALA A 130 14.72 6.07 -3.80
C ALA A 130 14.11 4.66 -3.58
N ILE A 131 13.62 4.40 -2.36
CA ILE A 131 12.97 3.15 -1.98
C ILE A 131 11.54 3.46 -1.51
N GLY A 132 10.59 2.62 -1.90
CA GLY A 132 9.22 2.76 -1.47
C GLY A 132 8.37 1.53 -1.69
N GLY A 133 7.34 1.41 -0.85
CA GLY A 133 6.35 0.34 -0.93
C GLY A 133 4.96 0.93 -1.11
N SER A 134 4.09 0.26 -1.89
CA SER A 134 2.69 0.65 -2.17
C SER A 134 2.61 2.03 -2.83
N TYR A 135 2.07 3.06 -2.13
CA TYR A 135 2.03 4.41 -2.72
C TYR A 135 3.46 5.01 -2.65
N GLY A 136 4.22 4.64 -1.63
CA GLY A 136 5.62 5.01 -1.45
C GLY A 136 6.45 4.52 -2.63
N GLY A 137 6.04 3.37 -3.19
CA GLY A 137 6.66 2.77 -4.36
C GLY A 137 6.36 3.56 -5.60
N MET A 138 5.08 3.99 -5.76
CA MET A 138 4.61 4.81 -6.88
C MET A 138 5.39 6.11 -6.86
N LEU A 139 5.51 6.69 -5.64
CA LEU A 139 6.24 7.91 -5.36
C LEU A 139 7.71 7.78 -5.72
N ALA A 140 8.39 6.66 -5.25
CA ALA A 140 9.80 6.35 -5.56
C ALA A 140 10.00 6.25 -7.08
N ALA A 141 9.16 5.47 -7.79
CA ALA A 141 9.27 5.37 -9.24
C ALA A 141 9.12 6.72 -9.91
N TRP A 142 8.06 7.50 -9.56
CA TRP A 142 7.79 8.83 -10.15
C TRP A 142 8.91 9.84 -9.84
N PHE A 143 9.56 9.69 -8.65
CA PHE A 143 10.68 10.53 -8.23
C PHE A 143 11.87 10.35 -9.21
N ARG A 144 12.19 9.09 -9.63
CA ARG A 144 13.24 8.91 -10.64
C ARG A 144 12.79 9.46 -12.00
N MET A 145 11.52 9.29 -12.35
CA MET A 145 11.00 9.79 -13.64
C MET A 145 11.10 11.32 -13.79
N LYS A 146 10.75 12.06 -12.71
CA LYS A 146 10.73 13.53 -12.73
C LYS A 146 12.00 14.16 -12.20
N TYR A 147 12.63 13.57 -11.18
CA TYR A 147 13.86 14.13 -10.63
C TYR A 147 15.06 13.15 -10.82
N PRO A 148 15.46 12.79 -12.08
CA PRO A 148 16.62 11.88 -12.24
C PRO A 148 17.92 12.53 -11.76
N HIS A 149 17.94 13.85 -11.63
CA HIS A 149 19.10 14.59 -11.12
C HIS A 149 19.22 14.45 -9.60
N MET A 150 18.18 13.95 -8.90
CA MET A 150 18.21 13.77 -7.45
C MET A 150 18.50 12.34 -7.05
N VAL A 151 17.91 11.38 -7.76
CA VAL A 151 18.09 9.96 -7.45
C VAL A 151 18.67 9.18 -8.64
N VAL A 152 19.59 8.24 -8.37
CA VAL A 152 20.24 7.44 -9.44
C VAL A 152 19.32 6.40 -10.00
N GLY A 153 18.47 5.88 -9.10
CA GLY A 153 17.49 4.87 -9.39
C GLY A 153 16.44 4.75 -8.31
N ALA A 154 15.54 3.80 -8.50
CA ALA A 154 14.43 3.55 -7.56
C ALA A 154 14.07 2.10 -7.47
N LEU A 155 13.72 1.68 -6.24
CA LEU A 155 13.20 0.35 -5.99
C LEU A 155 11.72 0.61 -5.65
N ALA A 156 10.84 0.34 -6.62
CA ALA A 156 9.38 0.53 -6.54
C ALA A 156 8.67 -0.81 -6.17
N ALA A 157 8.61 -1.11 -4.86
CA ALA A 157 8.00 -2.34 -4.31
C ALA A 157 6.44 -2.37 -4.23
N SER A 158 5.81 -3.23 -5.06
CA SER A 158 4.33 -3.36 -5.09
C SER A 158 3.71 -1.95 -5.30
N ALA A 159 4.20 -1.25 -6.34
CA ALA A 159 3.78 0.07 -6.70
C ALA A 159 2.81 -0.02 -7.86
N PRO A 160 1.48 0.17 -7.64
CA PRO A 160 0.52 0.08 -8.75
C PRO A 160 0.45 1.36 -9.57
N ILE A 161 1.54 1.68 -10.25
CA ILE A 161 1.64 2.91 -11.06
C ILE A 161 0.74 2.93 -12.31
N TRP A 162 0.05 1.80 -12.58
CA TRP A 162 -0.83 1.63 -13.74
C TRP A 162 -2.32 1.36 -13.38
N GLN A 163 -2.66 1.45 -12.08
CA GLN A 163 -4.01 1.22 -11.55
C GLN A 163 -4.93 2.44 -11.89
N PHE A 164 -4.96 2.88 -13.14
CA PHE A 164 -5.72 4.07 -13.50
C PHE A 164 -6.38 3.94 -14.83
N GLU A 165 -7.51 4.67 -15.00
CA GLU A 165 -8.28 4.72 -16.22
C GLU A 165 -8.53 3.35 -16.83
N ASP A 166 -8.19 3.22 -18.10
CA ASP A 166 -8.35 2.00 -18.90
C ASP A 166 -7.01 1.24 -19.03
N LEU A 167 -5.95 1.65 -18.29
CA LEU A 167 -4.64 1.01 -18.38
C LEU A 167 -4.69 -0.49 -18.12
N VAL A 168 -5.47 -0.89 -17.08
CA VAL A 168 -5.74 -2.26 -16.63
C VAL A 168 -7.27 -2.42 -16.44
N PRO A 169 -7.84 -3.65 -16.40
CA PRO A 169 -9.30 -3.77 -16.16
C PRO A 169 -9.66 -3.55 -14.69
N CYS A 170 -10.78 -2.85 -14.38
CA CYS A 170 -11.24 -2.57 -13.01
C CYS A 170 -11.48 -3.84 -12.16
N GLY A 171 -11.66 -4.98 -12.83
CA GLY A 171 -11.87 -6.27 -12.19
C GLY A 171 -10.65 -6.93 -11.58
N VAL A 172 -9.48 -6.86 -12.26
CA VAL A 172 -8.18 -7.47 -11.87
C VAL A 172 -7.84 -7.65 -10.36
N PHE A 173 -7.90 -6.59 -9.54
CA PHE A 173 -7.58 -6.64 -8.14
C PHE A 173 -8.40 -7.71 -7.43
N MET A 174 -9.74 -7.68 -7.59
CA MET A 174 -10.65 -8.64 -6.95
C MET A 174 -10.54 -10.04 -7.55
N LYS A 175 -10.14 -10.12 -8.83
CA LYS A 175 -9.88 -11.39 -9.53
C LYS A 175 -8.68 -12.08 -8.85
N ILE A 176 -7.61 -11.31 -8.57
CA ILE A 176 -6.42 -11.81 -7.88
C ILE A 176 -6.79 -12.21 -6.47
N VAL A 177 -7.61 -11.40 -5.74
CA VAL A 177 -8.02 -11.72 -4.36
C VAL A 177 -8.68 -13.14 -4.32
N THR A 178 -9.57 -13.39 -5.32
CA THR A 178 -10.31 -14.62 -5.54
C THR A 178 -9.32 -15.75 -5.79
N THR A 179 -8.39 -15.56 -6.76
CA THR A 179 -7.38 -16.55 -7.08
C THR A 179 -6.63 -16.99 -5.82
N ASP A 180 -6.30 -16.07 -4.91
CA ASP A 180 -5.61 -16.40 -3.67
C ASP A 180 -6.33 -17.40 -2.81
N PHE A 181 -7.67 -17.29 -2.72
CA PHE A 181 -8.52 -18.16 -1.89
C PHE A 181 -8.73 -19.52 -2.57
N ARG A 182 -8.91 -19.51 -3.89
CA ARG A 182 -9.11 -20.70 -4.70
C ARG A 182 -7.90 -21.63 -4.66
N LYS A 183 -6.69 -21.06 -4.79
CA LYS A 183 -5.40 -21.79 -4.78
C LYS A 183 -4.97 -22.16 -3.37
N SER A 184 -5.64 -21.63 -2.36
CA SER A 184 -5.35 -21.84 -0.95
C SER A 184 -6.24 -22.95 -0.29
N GLY A 185 -6.99 -23.67 -1.10
CA GLY A 185 -7.87 -24.73 -0.59
C GLY A 185 -9.05 -25.09 -1.47
N PRO A 186 -9.47 -26.38 -1.39
CA PRO A 186 -10.62 -26.82 -2.22
C PRO A 186 -11.92 -26.19 -1.70
N HIS A 187 -12.80 -25.72 -2.63
CA HIS A 187 -14.10 -25.06 -2.33
C HIS A 187 -14.01 -23.84 -1.40
N CYS A 188 -12.91 -23.08 -1.46
CA CYS A 188 -12.78 -21.91 -0.59
C CYS A 188 -13.47 -20.67 -1.20
N SER A 189 -13.13 -20.36 -2.47
CA SER A 189 -13.70 -19.25 -3.22
C SER A 189 -15.22 -19.51 -3.43
N GLU A 190 -15.57 -20.76 -3.81
CA GLU A 190 -16.91 -21.28 -4.00
C GLU A 190 -17.76 -21.04 -2.74
N SER A 191 -17.17 -21.30 -1.56
CA SER A 191 -17.87 -21.09 -0.30
C SER A 191 -18.19 -19.62 -0.09
N ILE A 192 -17.18 -18.72 -0.31
CA ILE A 192 -17.35 -17.28 -0.14
C ILE A 192 -18.36 -16.76 -1.18
N HIS A 193 -18.25 -17.23 -2.43
CA HIS A 193 -19.13 -16.87 -3.52
C HIS A 193 -20.59 -17.12 -3.15
N ARG A 194 -20.88 -18.31 -2.62
CA ARG A 194 -22.22 -18.70 -2.19
C ARG A 194 -22.70 -17.90 -0.96
N SER A 195 -21.79 -17.53 -0.05
CA SER A 195 -22.13 -16.81 1.19
C SER A 195 -23.01 -15.55 1.07
N TRP A 196 -22.81 -14.71 0.03
CA TRP A 196 -23.53 -13.43 -0.18
C TRP A 196 -25.07 -13.63 -0.28
N ASP A 197 -25.49 -14.54 -1.19
CA ASP A 197 -26.89 -14.91 -1.36
C ASP A 197 -27.52 -15.46 -0.06
N ALA A 198 -26.74 -16.20 0.74
CA ALA A 198 -27.17 -16.75 2.02
C ALA A 198 -27.38 -15.65 3.06
N ILE A 199 -26.59 -14.57 3.02
CA ILE A 199 -26.67 -13.44 3.94
C ILE A 199 -27.90 -12.62 3.57
N ASN A 200 -28.19 -12.53 2.24
CA ASN A 200 -29.33 -11.81 1.67
C ASN A 200 -30.64 -12.44 2.11
N ARG A 201 -30.74 -13.79 2.06
CA ARG A 201 -31.93 -14.51 2.50
C ARG A 201 -32.24 -14.14 3.94
N LEU A 202 -31.32 -14.46 4.87
CA LEU A 202 -31.44 -14.18 6.30
C LEU A 202 -31.73 -12.72 6.66
N SER A 203 -31.33 -11.78 5.80
CA SER A 203 -31.55 -10.34 5.99
C SER A 203 -33.05 -9.93 5.84
N ASN A 204 -33.90 -10.84 5.29
CA ASN A 204 -35.32 -10.60 5.02
C ASN A 204 -36.23 -10.52 6.24
N THR A 205 -36.02 -11.37 7.24
CA THR A 205 -36.87 -11.35 8.43
C THR A 205 -36.07 -10.88 9.65
N GLY A 206 -36.77 -10.36 10.65
CA GLY A 206 -36.17 -9.90 11.89
C GLY A 206 -35.58 -11.04 12.69
N SER A 207 -36.13 -12.25 12.49
CA SER A 207 -35.65 -13.46 13.15
C SER A 207 -34.31 -13.88 12.56
N GLY A 208 -34.20 -13.79 11.23
CA GLY A 208 -33.00 -14.11 10.45
C GLY A 208 -31.89 -13.12 10.73
N LEU A 209 -32.27 -11.85 10.91
CA LEU A 209 -31.40 -10.71 11.23
C LEU A 209 -30.79 -10.94 12.61
N GLN A 210 -31.58 -11.51 13.54
CA GLN A 210 -31.18 -11.84 14.92
C GLN A 210 -30.23 -13.03 14.89
N TRP A 211 -30.55 -14.07 14.09
CA TRP A 211 -29.74 -15.28 13.96
C TRP A 211 -28.36 -14.92 13.45
N LEU A 212 -28.30 -14.12 12.37
CA LEU A 212 -27.08 -13.64 11.73
C LEU A 212 -26.22 -12.93 12.76
N THR A 213 -26.81 -12.03 13.57
CA THR A 213 -26.10 -11.28 14.62
C THR A 213 -25.36 -12.22 15.58
N GLY A 214 -26.01 -13.29 16.02
CA GLY A 214 -25.41 -14.27 16.91
C GLY A 214 -24.37 -15.15 16.24
N ALA A 215 -24.71 -15.69 15.05
CA ALA A 215 -23.82 -16.56 14.27
C ALA A 215 -22.45 -15.90 14.00
N LEU A 216 -22.46 -14.58 13.69
CA LEU A 216 -21.29 -13.76 13.41
C LEU A 216 -20.72 -13.11 14.67
N HIS A 217 -21.35 -13.34 15.86
CA HIS A 217 -20.95 -12.81 17.18
C HIS A 217 -20.72 -11.32 17.13
N LEU A 218 -21.68 -10.58 16.56
CA LEU A 218 -21.56 -9.13 16.45
C LEU A 218 -21.83 -8.39 17.75
N CYS A 219 -21.33 -7.16 17.84
CA CYS A 219 -21.45 -6.30 19.02
C CYS A 219 -22.81 -5.62 19.08
N SER A 220 -23.31 -5.20 17.93
CA SER A 220 -24.58 -4.48 17.80
C SER A 220 -25.58 -5.34 17.02
N PRO A 221 -26.91 -5.22 17.30
CA PRO A 221 -27.87 -6.03 16.53
C PRO A 221 -28.04 -5.50 15.11
N LEU A 222 -28.02 -6.42 14.15
CA LEU A 222 -28.16 -6.11 12.74
C LEU A 222 -29.59 -5.69 12.43
N THR A 223 -29.73 -4.61 11.66
CA THR A 223 -31.00 -4.08 11.15
C THR A 223 -30.89 -4.36 9.65
N SER A 224 -31.94 -4.09 8.86
CA SER A 224 -31.85 -4.35 7.41
C SER A 224 -31.01 -3.28 6.69
N GLN A 225 -30.85 -2.10 7.32
CA GLN A 225 -30.09 -0.95 6.78
C GLN A 225 -28.57 -1.16 6.93
N ASP A 226 -28.18 -2.16 7.74
CA ASP A 226 -26.79 -2.55 8.05
C ASP A 226 -26.23 -3.61 7.09
N ILE A 227 -27.10 -4.42 6.47
CA ILE A 227 -26.69 -5.51 5.59
C ILE A 227 -25.66 -5.16 4.51
N GLN A 228 -25.76 -3.97 3.85
CA GLN A 228 -24.74 -3.65 2.84
C GLN A 228 -23.39 -3.37 3.51
N HIS A 229 -23.40 -2.71 4.68
CA HIS A 229 -22.18 -2.43 5.44
C HIS A 229 -21.54 -3.73 5.94
N LEU A 230 -22.34 -4.71 6.42
CA LEU A 230 -21.87 -6.01 6.90
C LEU A 230 -21.11 -6.74 5.77
N LYS A 231 -21.76 -6.93 4.60
CA LYS A 231 -21.13 -7.56 3.43
C LYS A 231 -19.82 -6.84 3.03
N ASP A 232 -19.80 -5.47 3.10
CA ASP A 232 -18.65 -4.62 2.77
C ASP A 232 -17.45 -4.94 3.70
N TRP A 233 -17.72 -5.07 5.00
CA TRP A 233 -16.75 -5.39 6.04
C TRP A 233 -16.17 -6.79 5.86
N ILE A 234 -17.00 -7.77 5.46
CA ILE A 234 -16.55 -9.14 5.22
C ILE A 234 -15.67 -9.13 3.97
N SER A 235 -16.10 -8.39 2.92
CA SER A 235 -15.33 -8.28 1.69
C SER A 235 -13.97 -7.65 1.97
N GLU A 236 -13.94 -6.60 2.83
CA GLU A 236 -12.75 -5.89 3.29
C GLU A 236 -11.79 -6.84 3.99
N THR A 237 -12.33 -7.89 4.69
CA THR A 237 -11.55 -8.89 5.40
C THR A 237 -10.80 -9.76 4.42
N TRP A 238 -11.51 -10.39 3.46
CA TRP A 238 -10.85 -11.23 2.46
C TRP A 238 -9.78 -10.45 1.72
N VAL A 239 -10.04 -9.14 1.45
CA VAL A 239 -9.10 -8.25 0.76
C VAL A 239 -7.83 -8.11 1.58
N ASN A 240 -7.96 -7.69 2.85
CA ASN A 240 -6.85 -7.51 3.78
C ASN A 240 -5.96 -8.77 3.81
N LEU A 241 -6.58 -9.94 4.05
CA LEU A 241 -5.93 -11.24 4.07
C LEU A 241 -5.06 -11.50 2.83
N ALA A 242 -5.55 -11.17 1.62
CA ALA A 242 -4.77 -11.37 0.41
C ALA A 242 -3.47 -10.54 0.40
N MET A 243 -3.48 -9.35 1.03
CA MET A 243 -2.31 -8.49 1.07
C MET A 243 -1.32 -8.95 2.13
N VAL A 244 -1.84 -9.57 3.21
CA VAL A 244 -1.03 -10.10 4.31
C VAL A 244 -0.89 -11.64 4.26
N ASP A 245 -0.98 -12.27 3.06
CA ASP A 245 -0.82 -13.71 2.98
C ASP A 245 0.67 -14.04 2.98
N TYR A 246 1.28 -13.91 4.16
CA TYR A 246 2.70 -14.11 4.40
C TYR A 246 3.14 -15.54 4.71
N PRO A 247 4.41 -15.91 4.35
CA PRO A 247 4.89 -17.28 4.64
C PRO A 247 5.16 -17.56 6.12
N TYR A 248 4.98 -16.55 7.00
CA TYR A 248 5.24 -16.68 8.43
C TYR A 248 4.26 -15.83 9.21
N ALA A 249 4.17 -16.08 10.53
CA ALA A 249 3.28 -15.38 11.45
C ALA A 249 3.69 -13.92 11.51
N SER A 250 2.71 -12.99 11.71
CA SER A 250 2.94 -11.54 11.73
C SER A 250 1.94 -10.77 12.59
N ASN A 251 2.30 -9.55 13.02
CA ASN A 251 1.42 -8.68 13.81
C ASN A 251 1.46 -7.23 13.29
N PHE A 252 1.12 -7.05 11.99
CA PHE A 252 1.06 -5.73 11.34
C PHE A 252 -0.21 -5.00 11.82
N LEU A 253 -1.39 -5.35 11.27
CA LEU A 253 -2.65 -4.75 11.72
C LEU A 253 -3.31 -5.67 12.75
N GLN A 254 -3.13 -7.00 12.56
CA GLN A 254 -3.71 -8.03 13.41
C GLN A 254 -2.77 -9.23 13.65
N PRO A 255 -2.82 -9.84 14.88
CA PRO A 255 -2.01 -11.06 15.14
C PRO A 255 -2.55 -12.15 14.21
N LEU A 256 -1.68 -12.68 13.35
CA LEU A 256 -2.06 -13.67 12.34
C LEU A 256 -1.04 -14.83 12.21
N PRO A 257 -1.46 -16.08 11.87
CA PRO A 257 -0.48 -17.17 11.71
C PRO A 257 0.18 -17.15 10.35
N ALA A 258 0.95 -18.21 10.01
CA ALA A 258 1.60 -18.33 8.71
C ALA A 258 0.55 -18.78 7.68
N TRP A 259 0.60 -18.22 6.45
CA TRP A 259 -0.35 -18.46 5.35
C TRP A 259 -1.77 -18.32 5.91
N PRO A 260 -2.18 -17.09 6.35
CA PRO A 260 -3.51 -16.96 6.97
C PRO A 260 -4.70 -17.37 6.08
N ILE A 261 -4.57 -17.27 4.75
CA ILE A 261 -5.64 -17.69 3.87
C ILE A 261 -5.85 -19.21 4.01
N LYS A 262 -4.76 -20.02 3.96
CA LYS A 262 -4.76 -21.49 4.12
C LYS A 262 -5.50 -21.91 5.42
N VAL A 263 -5.23 -21.16 6.49
CA VAL A 263 -5.82 -21.35 7.82
C VAL A 263 -7.33 -21.06 7.76
N VAL A 264 -7.77 -19.98 7.04
CA VAL A 264 -9.20 -19.65 6.96
C VAL A 264 -9.93 -20.64 6.06
N CYS A 265 -9.28 -21.08 4.98
CA CYS A 265 -9.77 -22.03 3.98
C CYS A 265 -10.00 -23.44 4.48
N GLN A 266 -9.61 -23.68 5.72
CA GLN A 266 -9.76 -24.95 6.39
C GLN A 266 -11.19 -24.99 6.90
N TYR A 267 -11.68 -23.84 7.41
CA TYR A 267 -13.04 -23.70 7.92
C TYR A 267 -14.09 -23.77 6.81
N LEU A 268 -13.72 -23.42 5.58
CA LEU A 268 -14.67 -23.51 4.49
C LEU A 268 -14.53 -24.97 3.99
N LYS A 269 -13.80 -25.24 2.88
CA LYS A 269 -13.50 -26.59 2.33
C LYS A 269 -14.62 -27.62 2.08
N ASN A 270 -15.60 -27.74 3.00
CA ASN A 270 -16.72 -28.65 2.83
C ASN A 270 -17.84 -28.02 1.93
N PRO A 271 -18.05 -28.51 0.69
CA PRO A 271 -19.10 -27.93 -0.17
C PRO A 271 -20.52 -28.28 0.27
N ASN A 272 -20.73 -29.56 0.65
CA ASN A 272 -21.97 -30.22 1.10
C ASN A 272 -22.35 -29.62 2.46
N VAL A 273 -22.82 -28.36 2.42
CA VAL A 273 -23.18 -27.62 3.62
C VAL A 273 -24.49 -26.79 3.46
N SER A 274 -25.18 -26.51 4.58
CA SER A 274 -26.42 -25.73 4.55
C SER A 274 -26.06 -24.27 4.65
N ASP A 275 -26.98 -23.34 4.30
CA ASP A 275 -26.70 -21.90 4.40
C ASP A 275 -26.40 -21.51 5.87
N SER A 276 -27.12 -22.11 6.81
CA SER A 276 -26.95 -21.88 8.24
C SER A 276 -25.51 -22.31 8.67
N LEU A 277 -25.09 -23.51 8.23
CA LEU A 277 -23.77 -24.05 8.54
C LEU A 277 -22.67 -23.24 7.81
N LEU A 278 -22.94 -22.84 6.54
CA LEU A 278 -22.02 -22.02 5.72
C LEU A 278 -21.65 -20.72 6.44
N LEU A 279 -22.62 -20.01 7.03
CA LEU A 279 -22.33 -18.77 7.74
C LEU A 279 -21.61 -18.98 9.07
N GLN A 280 -21.67 -20.20 9.61
CA GLN A 280 -20.97 -20.51 10.85
C GLN A 280 -19.48 -20.68 10.50
N ASN A 281 -19.21 -21.29 9.33
CA ASN A 281 -17.87 -21.48 8.77
C ASN A 281 -17.27 -20.10 8.42
N ILE A 282 -18.09 -19.20 7.82
CA ILE A 282 -17.67 -17.83 7.47
C ILE A 282 -17.21 -17.14 8.75
N PHE A 283 -17.96 -17.30 9.85
CA PHE A 283 -17.57 -16.69 11.11
C PHE A 283 -16.21 -17.20 11.56
N GLN A 284 -16.02 -18.52 11.58
CA GLN A 284 -14.77 -19.15 11.98
C GLN A 284 -13.59 -18.53 11.25
N ALA A 285 -13.75 -18.26 9.94
CA ALA A 285 -12.76 -17.63 9.08
C ALA A 285 -12.51 -16.19 9.54
N LEU A 286 -13.59 -15.41 9.78
CA LEU A 286 -13.51 -14.02 10.26
C LEU A 286 -12.82 -13.96 11.61
N ASN A 287 -13.04 -15.00 12.43
CA ASN A 287 -12.49 -15.16 13.76
C ASN A 287 -10.95 -15.28 13.73
N VAL A 288 -10.38 -15.98 12.71
CA VAL A 288 -8.93 -16.05 12.62
C VAL A 288 -8.31 -14.66 12.35
N TYR A 289 -8.89 -13.83 11.46
CA TYR A 289 -8.37 -12.49 11.20
C TYR A 289 -8.60 -11.55 12.38
N TYR A 290 -9.80 -11.48 12.92
CA TYR A 290 -10.10 -10.55 14.03
C TYR A 290 -9.81 -10.98 15.47
N ASN A 291 -9.65 -12.28 15.74
CA ASN A 291 -9.46 -12.77 17.12
C ASN A 291 -8.44 -13.92 17.32
N TYR A 292 -7.43 -14.04 16.43
CA TYR A 292 -6.41 -15.11 16.51
C TYR A 292 -5.72 -15.30 17.86
N SER A 293 -5.68 -14.27 18.70
CA SER A 293 -5.07 -14.40 20.01
C SER A 293 -6.00 -13.92 21.14
N GLY A 294 -7.30 -14.29 21.03
CA GLY A 294 -8.37 -13.96 21.98
C GLY A 294 -8.57 -12.50 22.26
N GLN A 295 -8.09 -11.66 21.32
CA GLN A 295 -8.09 -10.19 21.31
C GLN A 295 -9.44 -9.50 21.57
N VAL A 296 -10.57 -10.04 21.02
CA VAL A 296 -11.90 -9.43 21.14
C VAL A 296 -13.06 -10.30 21.67
N LYS A 297 -14.07 -9.67 22.30
CA LYS A 297 -15.25 -10.35 22.85
C LYS A 297 -16.35 -10.51 21.78
N CYS A 298 -16.42 -9.54 20.87
CA CYS A 298 -17.37 -9.51 19.76
C CYS A 298 -16.74 -8.78 18.57
N LEU A 299 -17.27 -9.00 17.35
CA LEU A 299 -16.77 -8.36 16.14
C LEU A 299 -17.57 -7.06 15.87
N ASN A 300 -16.91 -5.88 15.95
CA ASN A 300 -17.53 -4.57 15.69
C ASN A 300 -17.28 -4.23 14.21
N ILE A 301 -18.36 -4.17 13.42
CA ILE A 301 -18.32 -3.92 11.98
C ILE A 301 -18.11 -2.45 11.59
N SER A 302 -18.21 -1.54 12.56
CA SER A 302 -18.04 -0.09 12.38
C SER A 302 -16.60 0.27 12.74
N GLU A 303 -15.99 1.25 12.01
CA GLU A 303 -14.61 1.67 12.30
C GLU A 303 -14.28 3.08 11.83
N SER A 308 -6.64 7.37 11.55
CA SER A 308 -7.81 8.20 11.29
C SER A 308 -7.47 9.47 10.48
N LEU A 309 -6.38 10.20 10.86
CA LEU A 309 -5.94 11.40 10.12
C LEU A 309 -5.18 10.91 8.86
N GLY A 310 -4.66 9.68 8.95
CA GLY A 310 -3.94 8.99 7.89
C GLY A 310 -4.89 8.45 6.84
N THR A 311 -6.15 8.23 7.25
CA THR A 311 -7.21 7.74 6.37
C THR A 311 -7.87 8.96 5.72
N LEU A 312 -7.94 10.08 6.47
CA LEU A 312 -8.45 11.39 6.09
C LEU A 312 -7.62 11.94 4.91
N GLY A 313 -6.30 11.94 5.07
CA GLY A 313 -5.37 12.37 4.05
C GLY A 313 -5.47 11.49 2.82
N TRP A 314 -5.49 10.16 3.04
CA TRP A 314 -5.60 9.24 1.94
C TRP A 314 -6.90 9.43 1.19
N SER A 315 -8.00 9.71 1.93
CA SER A 315 -9.34 9.96 1.39
C SER A 315 -9.29 11.19 0.50
N TYR A 316 -8.63 12.24 0.96
CA TYR A 316 -8.52 13.44 0.16
C TYR A 316 -7.80 13.13 -1.16
N GLN A 317 -6.64 12.47 -1.05
CA GLN A 317 -5.83 12.06 -2.19
C GLN A 317 -6.56 11.18 -3.20
N ALA A 318 -7.38 10.23 -2.69
CA ALA A 318 -8.19 9.30 -3.48
C ALA A 318 -9.35 10.02 -4.16
N CYS A 319 -9.67 11.20 -3.64
CA CYS A 319 -10.74 12.06 -4.14
C CYS A 319 -10.26 13.05 -5.17
N THR A 320 -8.94 13.28 -5.24
CA THR A 320 -8.32 14.25 -6.13
C THR A 320 -7.53 13.65 -7.30
N GLU A 321 -6.28 13.20 -7.02
CA GLU A 321 -5.32 12.63 -7.99
C GLU A 321 -5.39 11.10 -8.15
N VAL A 322 -5.21 10.38 -7.03
CA VAL A 322 -5.18 8.92 -6.98
C VAL A 322 -6.58 8.32 -7.09
N VAL A 323 -7.14 8.36 -8.29
CA VAL A 323 -8.46 7.84 -8.59
C VAL A 323 -8.30 6.52 -9.30
N MET A 324 -8.33 5.44 -8.52
CA MET A 324 -8.15 4.10 -9.08
C MET A 324 -9.44 3.36 -9.36
N PRO A 325 -9.78 3.11 -10.64
CA PRO A 325 -11.03 2.37 -10.94
C PRO A 325 -11.11 0.94 -10.38
N PHE A 326 -12.14 0.66 -9.57
CA PHE A 326 -12.41 -0.65 -8.99
C PHE A 326 -13.82 -1.12 -9.25
N CYS A 327 -13.97 -2.43 -9.44
CA CYS A 327 -15.25 -3.11 -9.69
C CYS A 327 -15.13 -4.64 -9.44
N THR A 328 -16.28 -5.32 -9.24
CA THR A 328 -16.45 -6.78 -9.06
C THR A 328 -17.53 -7.21 -10.02
N ASN A 329 -17.43 -8.41 -10.57
CA ASN A 329 -18.41 -8.90 -11.52
C ASN A 329 -19.14 -10.22 -11.14
N GLY A 330 -18.64 -10.93 -10.13
CA GLY A 330 -19.20 -12.20 -9.70
C GLY A 330 -18.93 -13.35 -10.65
N VAL A 331 -18.22 -13.10 -11.76
CA VAL A 331 -17.88 -14.12 -12.75
C VAL A 331 -16.38 -14.48 -12.67
N ASP A 332 -15.50 -13.46 -12.73
CA ASP A 332 -14.04 -13.63 -12.64
C ASP A 332 -13.60 -13.49 -11.19
N ASP A 333 -14.56 -13.23 -10.28
CA ASP A 333 -14.33 -13.09 -8.85
C ASP A 333 -15.43 -13.77 -8.04
N MET A 334 -15.22 -13.90 -6.72
CA MET A 334 -16.11 -14.53 -5.73
C MET A 334 -16.99 -13.52 -5.01
N PHE A 335 -17.16 -12.34 -5.63
CA PHE A 335 -17.91 -11.27 -4.99
C PHE A 335 -19.19 -10.92 -5.73
N GLU A 336 -20.09 -10.16 -5.06
CA GLU A 336 -21.33 -9.68 -5.68
C GLU A 336 -20.97 -8.60 -6.71
N PRO A 337 -21.72 -8.46 -7.83
CA PRO A 337 -21.35 -7.43 -8.83
C PRO A 337 -21.52 -6.01 -8.33
N HIS A 338 -20.54 -5.18 -8.65
CA HIS A 338 -20.49 -3.76 -8.32
C HIS A 338 -19.70 -3.13 -9.44
N SER A 339 -20.29 -2.14 -10.11
CA SER A 339 -19.61 -1.48 -11.22
C SER A 339 -18.85 -0.27 -10.74
N TRP A 340 -17.92 0.20 -11.55
CA TRP A 340 -17.15 1.39 -11.24
C TRP A 340 -18.02 2.59 -11.64
N ASN A 341 -18.39 3.43 -10.65
CA ASN A 341 -19.23 4.59 -10.90
C ASN A 341 -18.46 5.86 -10.54
N LEU A 342 -17.88 6.49 -11.58
CA LEU A 342 -17.11 7.73 -11.44
C LEU A 342 -17.98 8.86 -10.95
N LYS A 343 -19.17 9.06 -11.59
CA LYS A 343 -20.15 10.10 -11.26
C LYS A 343 -20.51 10.05 -9.79
N GLU A 344 -20.91 8.88 -9.29
CA GLU A 344 -21.26 8.71 -7.87
C GLU A 344 -20.09 9.11 -6.95
N LEU A 345 -18.88 8.56 -7.23
CA LEU A 345 -17.63 8.80 -6.49
C LEU A 345 -17.33 10.30 -6.43
N SER A 346 -17.47 10.99 -7.59
CA SER A 346 -17.24 12.44 -7.74
C SER A 346 -18.11 13.27 -6.79
N ASP A 347 -19.43 12.96 -6.73
CA ASP A 347 -20.41 13.64 -5.88
C ASP A 347 -20.14 13.43 -4.38
N ASP A 348 -19.69 12.22 -3.98
CA ASP A 348 -19.39 11.94 -2.57
C ASP A 348 -18.14 12.71 -2.15
N CYS A 349 -17.19 12.88 -3.10
CA CYS A 349 -15.93 13.59 -2.90
C CYS A 349 -16.22 15.07 -2.67
N PHE A 350 -17.12 15.64 -3.49
CA PHE A 350 -17.56 17.03 -3.38
C PHE A 350 -18.29 17.24 -2.04
N GLN A 351 -19.10 16.26 -1.62
CA GLN A 351 -19.81 16.34 -0.34
C GLN A 351 -18.89 16.35 0.84
N GLN A 352 -17.91 15.42 0.91
CA GLN A 352 -16.97 15.38 2.04
C GLN A 352 -15.90 16.48 1.98
N TRP A 353 -15.29 16.71 0.80
CA TRP A 353 -14.20 17.67 0.73
C TRP A 353 -14.43 18.98 -0.03
N GLY A 354 -15.39 19.00 -0.93
CA GLY A 354 -15.67 20.18 -1.75
C GLY A 354 -14.73 20.27 -2.92
N VAL A 355 -14.29 19.09 -3.41
CA VAL A 355 -13.35 18.91 -4.52
C VAL A 355 -13.85 17.82 -5.41
N ARG A 356 -13.39 17.81 -6.66
CA ARG A 356 -13.79 16.79 -7.60
C ARG A 356 -12.60 16.05 -8.19
N PRO A 357 -12.67 14.69 -8.24
CA PRO A 357 -11.57 13.93 -8.85
C PRO A 357 -11.25 14.32 -10.28
N ARG A 358 -9.95 14.21 -10.64
CA ARG A 358 -9.43 14.42 -12.00
C ARG A 358 -8.91 13.03 -12.39
N PRO A 359 -9.80 12.15 -12.93
CA PRO A 359 -9.41 10.75 -13.21
C PRO A 359 -8.32 10.52 -14.26
N SER A 360 -7.95 11.56 -15.03
CA SER A 360 -6.93 11.44 -16.09
C SER A 360 -5.60 12.09 -15.75
N TRP A 361 -5.58 12.86 -14.66
CA TRP A 361 -4.41 13.59 -14.24
C TRP A 361 -3.09 12.83 -14.12
N ILE A 362 -3.01 11.81 -13.23
CA ILE A 362 -1.83 10.99 -12.97
C ILE A 362 -1.19 10.47 -14.27
N THR A 363 -2.01 10.15 -15.22
CA THR A 363 -1.66 9.66 -16.53
C THR A 363 -1.02 10.73 -17.41
N THR A 364 -1.50 11.99 -17.26
CA THR A 364 -0.98 13.13 -18.01
C THR A 364 0.35 13.55 -17.38
N MET A 365 0.44 13.53 -16.05
CA MET A 365 1.64 13.92 -15.33
C MET A 365 2.78 12.87 -15.45
N TYR A 366 2.54 11.66 -14.90
CA TYR A 366 3.49 10.57 -14.84
C TYR A 366 3.62 9.60 -16.05
N GLY A 367 2.83 9.82 -17.10
CA GLY A 367 2.94 9.10 -18.38
C GLY A 367 2.19 7.84 -18.69
N GLY A 368 1.64 7.21 -17.65
CA GLY A 368 0.91 5.95 -17.79
C GLY A 368 1.85 4.83 -18.16
N LYS A 369 1.52 4.14 -19.24
CA LYS A 369 2.32 3.01 -19.71
C LYS A 369 3.51 3.46 -20.52
N ASN A 370 3.46 4.68 -21.08
CA ASN A 370 4.48 5.27 -21.92
C ASN A 370 5.64 5.84 -21.09
N ILE A 371 6.53 4.95 -20.58
CA ILE A 371 7.66 5.30 -19.72
C ILE A 371 9.00 4.65 -20.15
N SER A 372 9.09 4.17 -21.40
CA SER A 372 10.28 3.48 -21.95
C SER A 372 11.58 4.28 -21.91
N SER A 373 11.48 5.63 -22.02
CA SER A 373 12.66 6.49 -22.01
C SER A 373 13.37 6.56 -20.65
N HIS A 374 12.68 6.26 -19.55
CA HIS A 374 13.26 6.29 -18.21
C HIS A 374 14.22 5.13 -17.99
N THR A 375 15.03 5.21 -16.95
CA THR A 375 16.04 4.20 -16.64
C THR A 375 16.15 4.00 -15.14
N ASN A 376 16.77 2.92 -14.74
CA ASN A 376 17.08 2.52 -13.38
C ASN A 376 15.93 2.51 -12.41
N ILE A 377 14.95 1.63 -12.65
CA ILE A 377 13.80 1.42 -11.77
C ILE A 377 13.54 -0.08 -11.75
N VAL A 378 13.53 -0.65 -10.57
CA VAL A 378 13.22 -2.06 -10.43
C VAL A 378 11.85 -2.16 -9.73
N PHE A 379 10.87 -2.70 -10.46
CA PHE A 379 9.49 -2.88 -9.99
C PHE A 379 9.27 -4.28 -9.46
N SER A 380 9.25 -4.44 -8.15
CA SER A 380 8.98 -5.76 -7.61
C SER A 380 7.49 -5.92 -7.33
N ASN A 381 6.97 -7.12 -7.56
CA ASN A 381 5.57 -7.45 -7.32
C ASN A 381 5.40 -8.88 -6.87
N GLY A 382 4.54 -9.08 -5.88
CA GLY A 382 4.20 -10.40 -5.34
C GLY A 382 3.11 -11.07 -6.18
N GLU A 383 3.11 -12.41 -6.23
CA GLU A 383 2.11 -13.13 -7.04
C GLU A 383 0.72 -13.18 -6.40
N LEU A 384 0.68 -13.03 -5.09
CA LEU A 384 -0.54 -13.05 -4.29
C LEU A 384 -1.13 -11.68 -4.13
N ASP A 385 -0.30 -10.64 -4.17
CA ASP A 385 -0.72 -9.26 -3.97
C ASP A 385 -1.78 -8.81 -4.97
N PRO A 386 -3.03 -8.47 -4.51
CA PRO A 386 -4.04 -7.97 -5.45
C PRO A 386 -3.54 -6.70 -6.19
N TRP A 387 -2.66 -5.90 -5.52
CA TRP A 387 -2.06 -4.69 -6.10
C TRP A 387 -1.20 -4.91 -7.35
N SER A 388 -0.68 -6.12 -7.54
CA SER A 388 0.14 -6.48 -8.71
C SER A 388 -0.63 -6.36 -10.02
N GLY A 389 -1.96 -6.29 -9.92
CA GLY A 389 -2.85 -6.18 -11.07
C GLY A 389 -2.63 -4.86 -11.79
N GLY A 390 -2.28 -3.84 -11.01
CA GLY A 390 -2.02 -2.49 -11.50
C GLY A 390 -0.56 -2.11 -11.60
N GLY A 391 0.32 -3.07 -11.38
CA GLY A 391 1.76 -2.84 -11.43
C GLY A 391 2.43 -3.36 -12.69
N VAL A 392 3.78 -3.21 -12.72
CA VAL A 392 4.61 -3.69 -13.84
C VAL A 392 5.14 -5.09 -13.54
N THR A 393 4.76 -6.06 -14.40
CA THR A 393 5.13 -7.48 -14.19
C THR A 393 6.08 -8.08 -15.24
N LYS A 394 6.30 -7.37 -16.34
CA LYS A 394 7.26 -7.75 -17.37
C LYS A 394 8.15 -6.52 -17.69
N ASP A 395 9.46 -6.76 -17.91
CA ASP A 395 10.47 -5.75 -18.22
C ASP A 395 10.07 -4.81 -19.34
N ILE A 396 10.23 -3.50 -19.12
CA ILE A 396 9.93 -2.52 -20.17
C ILE A 396 11.21 -2.38 -21.03
N THR A 397 12.39 -2.34 -20.36
CA THR A 397 13.71 -2.22 -20.98
C THR A 397 14.68 -3.06 -20.11
N ASP A 398 15.98 -2.95 -20.39
CA ASP A 398 17.05 -3.63 -19.65
C ASP A 398 17.30 -2.98 -18.30
N THR A 399 16.85 -1.73 -18.19
CA THR A 399 17.00 -0.84 -17.05
C THR A 399 15.69 -0.60 -16.27
N LEU A 400 14.52 -0.73 -16.95
CA LEU A 400 13.18 -0.62 -16.33
C LEU A 400 12.73 -2.09 -16.24
N VAL A 401 13.03 -2.69 -15.12
CA VAL A 401 12.81 -4.11 -14.90
C VAL A 401 11.77 -4.48 -13.87
N ALA A 402 11.11 -5.62 -14.12
CA ALA A 402 10.08 -6.22 -13.28
C ALA A 402 10.66 -7.40 -12.55
N VAL A 403 10.26 -7.62 -11.30
CA VAL A 403 10.73 -8.75 -10.49
C VAL A 403 9.53 -9.41 -9.79
N THR A 404 9.12 -10.64 -10.18
CA THR A 404 8.00 -11.32 -9.53
C THR A 404 8.39 -12.28 -8.43
N ILE A 405 7.65 -12.25 -7.31
CA ILE A 405 7.87 -13.08 -6.13
C ILE A 405 6.69 -14.05 -5.95
N SER A 406 6.80 -15.27 -6.52
CA SER A 406 5.77 -16.29 -6.35
C SER A 406 5.73 -16.59 -4.83
N GLU A 407 4.52 -16.64 -4.22
CA GLU A 407 4.29 -16.85 -2.78
C GLU A 407 4.49 -15.54 -2.00
N GLY A 408 4.62 -14.45 -2.77
CA GLY A 408 4.78 -13.12 -2.21
C GLY A 408 3.48 -12.33 -2.21
N ALA A 409 3.09 -11.87 -1.02
CA ALA A 409 1.88 -11.05 -0.90
C ALA A 409 2.26 -9.56 -1.11
N HIS A 410 1.79 -8.65 -0.23
CA HIS A 410 2.06 -7.23 -0.43
C HIS A 410 3.46 -6.83 0.04
N HIS A 411 4.35 -6.56 -0.94
CA HIS A 411 5.76 -6.19 -0.78
C HIS A 411 6.54 -6.95 0.34
N LEU A 412 6.59 -8.31 0.22
CA LEU A 412 7.28 -9.23 1.15
C LEU A 412 8.77 -8.85 1.17
N ASP A 413 9.32 -8.53 -0.05
CA ASP A 413 10.70 -8.13 -0.30
C ASP A 413 11.21 -7.03 0.60
N LEU A 414 10.35 -6.12 1.08
CA LEU A 414 10.79 -5.05 1.97
C LEU A 414 10.83 -5.46 3.43
N ARG A 415 10.44 -6.69 3.74
CA ARG A 415 10.45 -7.09 5.16
C ARG A 415 11.84 -7.57 5.64
N THR A 416 12.01 -7.57 6.97
CA THR A 416 13.20 -8.08 7.66
C THR A 416 13.21 -9.61 7.36
N LYS A 417 14.40 -10.18 7.04
CA LYS A 417 14.54 -11.62 6.76
C LYS A 417 13.94 -12.48 7.91
N ASN A 418 13.32 -13.62 7.54
CA ASN A 418 12.64 -14.48 8.53
C ASN A 418 13.22 -15.87 8.87
N ALA A 419 13.53 -16.67 7.82
CA ALA A 419 14.00 -18.09 7.84
C ALA A 419 12.99 -18.78 6.96
N LEU A 420 11.70 -18.39 7.12
CA LEU A 420 10.60 -18.92 6.35
C LEU A 420 10.43 -18.27 4.96
N ASP A 421 11.36 -17.39 4.57
CA ASP A 421 11.29 -16.70 3.28
C ASP A 421 11.56 -17.64 2.09
N PRO A 422 10.59 -17.87 1.16
CA PRO A 422 10.88 -18.75 0.01
C PRO A 422 12.06 -18.28 -0.83
N MET A 423 12.59 -19.17 -1.68
CA MET A 423 13.72 -18.79 -2.52
C MET A 423 13.43 -17.60 -3.41
N SER A 424 12.17 -17.50 -3.93
CA SER A 424 11.65 -16.45 -4.82
C SER A 424 11.89 -15.02 -4.25
N VAL A 425 11.74 -14.85 -2.91
CA VAL A 425 11.96 -13.56 -2.27
C VAL A 425 13.45 -13.27 -2.16
N LEU A 426 14.23 -14.11 -1.43
CA LEU A 426 15.70 -13.98 -1.27
C LEU A 426 16.36 -13.74 -2.63
N LEU A 427 15.98 -14.52 -3.66
CA LEU A 427 16.45 -14.44 -5.04
C LEU A 427 16.15 -13.06 -5.66
N ALA A 428 14.96 -12.47 -5.34
CA ALA A 428 14.50 -11.14 -5.79
C ALA A 428 15.22 -10.05 -4.98
N ARG A 429 15.26 -10.17 -3.62
CA ARG A 429 15.95 -9.23 -2.75
C ARG A 429 17.42 -9.08 -3.21
N SER A 430 18.05 -10.16 -3.68
CA SER A 430 19.43 -10.15 -4.17
C SER A 430 19.55 -9.45 -5.52
N LEU A 431 18.57 -9.65 -6.42
CA LEU A 431 18.51 -9.02 -7.73
C LEU A 431 18.33 -7.49 -7.54
N GLU A 432 17.64 -7.10 -6.44
CA GLU A 432 17.40 -5.71 -6.07
C GLU A 432 18.73 -5.06 -5.78
N VAL A 433 19.49 -5.60 -4.78
CA VAL A 433 20.85 -5.13 -4.42
C VAL A 433 21.77 -5.16 -5.66
N ARG A 434 21.73 -6.24 -6.45
CA ARG A 434 22.50 -6.37 -7.69
C ARG A 434 22.34 -5.10 -8.53
N HIS A 435 21.08 -4.67 -8.77
CA HIS A 435 20.75 -3.47 -9.56
C HIS A 435 21.15 -2.18 -8.87
N MET A 436 20.90 -2.10 -7.55
CA MET A 436 21.25 -0.92 -6.76
C MET A 436 22.74 -0.67 -6.81
N LYS A 437 23.56 -1.72 -6.56
CA LYS A 437 25.02 -1.55 -6.63
C LYS A 437 25.53 -1.27 -8.04
N ASN A 438 24.76 -1.62 -9.07
CA ASN A 438 25.09 -1.31 -10.46
C ASN A 438 24.82 0.18 -10.73
N TRP A 439 23.97 0.85 -9.91
CA TRP A 439 23.64 2.26 -10.12
C TRP A 439 24.66 3.13 -9.42
N ILE A 440 25.12 2.68 -8.24
CA ILE A 440 26.13 3.35 -7.41
C ILE A 440 27.48 3.35 -8.19
N ARG A 441 27.91 2.16 -8.63
CA ARG A 441 29.12 1.89 -9.41
C ARG A 441 29.15 2.75 -10.67
N ASP A 442 28.03 2.80 -11.43
CA ASP A 442 27.97 3.60 -12.65
C ASP A 442 28.06 5.10 -12.38
N PHE A 443 27.58 5.53 -11.21
CA PHE A 443 27.57 6.93 -10.81
C PHE A 443 29.00 7.35 -10.49
N TYR A 444 29.67 6.57 -9.63
CA TYR A 444 31.06 6.80 -9.23
C TYR A 444 32.06 6.74 -10.41
N ASP A 445 31.76 5.96 -11.45
CA ASP A 445 32.61 5.85 -12.64
C ASP A 445 32.31 6.91 -13.71
N SER A 446 31.71 8.05 -13.30
CA SER A 446 31.32 9.19 -14.15
C SER A 446 31.21 10.50 -13.33
C1 NAG B . -12.08 -14.77 20.80
C2 NAG B . -13.50 -15.39 20.83
C3 NAG B . -13.83 -15.34 22.34
C4 NAG B . -12.91 -16.37 23.07
C5 NAG B . -11.40 -16.30 22.60
C6 NAG B . -10.65 -17.65 22.74
C7 NAG B . -15.21 -14.00 19.61
C8 NAG B . -16.14 -13.97 18.47
N2 NAG B . -14.50 -15.14 19.74
O3 NAG B . -15.24 -15.44 22.67
O4 NAG B . -13.03 -16.25 24.51
O5 NAG B . -11.19 -15.80 21.24
O6 NAG B . -10.71 -18.46 21.56
O7 NAG B . -15.10 -13.05 20.36
C1 NAG B . -13.88 -17.28 25.04
C2 NAG B . -13.17 -18.38 25.96
C3 NAG B . -13.95 -18.75 27.26
C4 NAG B . -15.52 -18.49 27.26
C5 NAG B . -16.01 -17.69 25.99
C6 NAG B . -17.41 -17.05 26.11
C7 NAG B . -11.26 -19.92 25.27
C8 NAG B . -10.90 -21.19 24.52
N2 NAG B . -12.62 -19.59 25.28
O3 NAG B . -13.32 -18.00 28.31
O4 NAG B . -16.30 -19.70 27.55
O5 NAG B . -15.03 -16.67 25.63
O6 NAG B . -17.38 -15.64 26.35
O7 NAG B . -10.38 -19.21 25.83
C1 NAG C . 8.09 1.43 16.41
C2 NAG C . 6.73 1.76 17.11
C3 NAG C . 6.92 1.95 18.66
C4 NAG C . 7.92 0.98 19.37
C5 NAG C . 9.11 0.57 18.44
C6 NAG C . 9.86 -0.71 18.92
C7 NAG C . 5.17 2.74 15.36
C8 NAG C . 4.59 4.05 14.87
N2 NAG C . 6.03 2.89 16.46
O3 NAG C . 5.64 1.80 19.29
O4 NAG C . 8.35 1.58 20.61
O5 NAG C . 8.65 0.30 17.09
O6 NAG C . 10.50 -1.46 17.85
O7 NAG C . 4.89 1.65 14.83
C1 NAG D . -19.99 -34.14 -1.27
C2 NAG D . -18.56 -34.78 -1.15
C3 NAG D . -18.28 -35.74 -2.39
C4 NAG D . -19.37 -36.85 -2.61
C5 NAG D . -20.86 -36.34 -2.36
C6 NAG D . -21.94 -37.47 -2.07
C7 NAG D . -17.20 -33.55 0.58
C8 NAG D . -15.97 -32.72 0.74
N2 NAG D . -17.42 -33.94 -0.72
O3 NAG D . -16.97 -36.36 -2.24
O4 NAG D . -19.16 -37.62 -3.87
O5 NAG D . -21.02 -35.18 -1.45
O6 NAG D . -22.76 -37.37 -0.87
O7 NAG D . -17.95 -33.84 1.52
C1 NAG E . -17.32 0.34 17.27
C2 NAG E . -17.86 0.94 18.63
C3 NAG E . -18.02 2.51 18.52
C4 NAG E . -16.65 3.18 18.20
C5 NAG E . -16.10 2.52 16.86
C6 NAG E . -14.77 3.07 16.30
C7 NAG E . -18.80 -1.08 19.79
C8 NAG E . -20.04 -1.65 20.41
N2 NAG E . -18.95 0.20 19.28
O3 NAG E . -18.61 3.10 19.69
O4 NAG E . -16.71 4.67 18.20
O5 NAG E . -16.07 1.04 16.90
O6 NAG E . -13.86 3.54 17.33
O7 NAG E . -17.73 -1.71 19.73
C1 NAG F . 1.76 4.69 -25.49
C2 NAG F . 1.86 4.92 -27.02
C3 NAG F . 0.51 4.37 -27.60
C4 NAG F . 0.39 2.82 -27.34
C5 NAG F . 0.41 2.73 -25.76
C6 NAG F . 0.02 1.43 -25.03
C7 NAG F . 1.69 7.39 -27.90
C8 NAG F . 2.65 8.57 -28.02
N2 NAG F . 2.34 6.29 -27.34
O3 NAG F . 0.17 4.81 -28.94
O4 NAG F . -0.77 2.21 -28.05
O5 NAG F . 1.64 3.30 -25.20
O6 NAG F . 1.00 1.00 -24.08
O7 NAG F . 0.49 7.43 -28.28
S SO4 G . -10.05 14.91 -16.09
O1 SO4 G . -10.34 13.84 -17.09
O2 SO4 G . -8.94 14.48 -15.23
O3 SO4 G . -11.25 15.16 -15.26
O4 SO4 G . -9.69 16.15 -16.76
#